data_2FSJ
#
_entry.id   2FSJ
#
_cell.length_a   51.265
_cell.length_b   50.762
_cell.length_c   123.391
_cell.angle_alpha   90.00
_cell.angle_beta   90.00
_cell.angle_gamma   90.00
#
_symmetry.space_group_name_H-M   'P 21 21 21'
#
loop_
_entity.id
_entity.type
_entity.pdbx_description
1 polymer 'hypothetical protein Ta0583'
2 non-polymer GLYCEROL
3 water water
#
_entity_poly.entity_id   1
_entity_poly.type   'polypeptide(L)'
_entity_poly.pdbx_seq_one_letter_code
;MGSSHHHHHHSSGLVPRGSHMVVVGLDVGYGDTKVIGVDGKRIIFPSRWAVTETESWGIGGKIPVLSTDGGQTKFIYGKY
ASGNNIRVPQGDGRLASKEAFPLIAAALWESGIHNDGSPVDLVIGSGTPLGTFDLEVKAAKEALENKVLTVTGPEGEVRQ
FNITRLIMRPQGVGAALYLLNQGIIEQQPGYGVVIDVGSRTTDVLTINLMDMEPVVELSFSLQIGVGDAISALSRKIAKE
TGFVVPFDLAQEALSHPVMFRQKQVGGPEVSGPILEDLANRIIENIRLNLRGEVDRVTSLIPVGGGSNLIGDRFEEIAPG
TLVKIKPEDLQFANALGYRDAAERSM
;
_entity_poly.pdbx_strand_id   A
#
loop_
_chem_comp.id
_chem_comp.type
_chem_comp.name
_chem_comp.formula
GOL non-polymer GLYCEROL 'C3 H8 O3'
#
# COMPACT_ATOMS: atom_id res chain seq x y z
N MET A 21 -5.74 -7.54 -22.94
CA MET A 21 -4.76 -7.08 -24.00
C MET A 21 -3.69 -6.12 -23.47
N VAL A 22 -4.07 -5.09 -22.71
CA VAL A 22 -3.10 -4.35 -21.90
C VAL A 22 -3.15 -4.89 -20.45
N VAL A 23 -2.01 -5.25 -19.91
CA VAL A 23 -1.90 -5.71 -18.52
C VAL A 23 -1.32 -4.61 -17.60
N VAL A 24 -1.97 -4.37 -16.47
CA VAL A 24 -1.48 -3.40 -15.51
C VAL A 24 -1.45 -4.00 -14.12
N GLY A 25 -0.47 -3.61 -13.31
CA GLY A 25 -0.47 -3.96 -11.90
C GLY A 25 -1.03 -2.78 -11.12
N LEU A 26 -1.87 -3.09 -10.14
CA LEU A 26 -2.53 -2.05 -9.37
C LEU A 26 -2.50 -2.46 -7.90
N ASP A 27 -2.15 -1.54 -7.03
CA ASP A 27 -2.16 -1.80 -5.58
C ASP A 27 -2.74 -0.59 -4.90
N VAL A 28 -3.98 -0.69 -4.43
CA VAL A 28 -4.65 0.44 -3.77
C VAL A 28 -4.45 0.26 -2.26
N GLY A 29 -3.37 0.89 -1.78
CA GLY A 29 -3.05 0.87 -0.37
C GLY A 29 -3.88 1.86 0.41
N TYR A 30 -3.96 1.63 1.71
CA TYR A 30 -4.56 2.62 2.66
C TYR A 30 -3.86 3.97 2.47
N GLY A 31 -2.52 3.91 2.32
CA GLY A 31 -1.70 5.10 2.24
C GLY A 31 -1.52 5.68 0.83
N ASP A 32 -1.08 4.81 -0.09
CA ASP A 32 -0.72 5.22 -1.44
C ASP A 32 -1.25 4.20 -2.41
N THR A 33 -1.57 4.65 -3.65
CA THR A 33 -2.00 3.80 -4.75
C THR A 33 -0.80 3.73 -5.70
N LYS A 34 -0.44 2.51 -6.08
CA LYS A 34 0.66 2.23 -6.97
C LYS A 34 0.14 1.56 -8.21
N VAL A 35 0.73 1.91 -9.34
CA VAL A 35 0.42 1.35 -10.64
C VAL A 35 1.72 0.97 -11.37
N ILE A 36 1.75 -0.22 -11.96
CA ILE A 36 2.81 -0.65 -12.84
C ILE A 36 2.20 -0.66 -14.24
N GLY A 37 2.63 0.26 -15.07
CA GLY A 37 2.11 0.32 -16.43
C GLY A 37 2.92 -0.44 -17.45
N VAL A 38 2.86 0.08 -18.66
CA VAL A 38 3.48 -0.53 -19.82
C VAL A 38 4.92 -0.15 -19.77
N ASP A 39 5.73 -1.14 -20.10
CA ASP A 39 7.17 -1.01 -20.25
C ASP A 39 7.84 -0.71 -18.92
N GLY A 40 7.19 -1.09 -17.81
CA GLY A 40 7.75 -0.91 -16.49
C GLY A 40 7.69 0.49 -15.89
N LYS A 41 6.97 1.44 -16.51
CA LYS A 41 6.73 2.71 -15.83
C LYS A 41 5.90 2.51 -14.59
N ARG A 42 6.23 3.26 -13.57
CA ARG A 42 5.54 3.17 -12.30
C ARG A 42 4.89 4.52 -11.98
N ILE A 43 3.75 4.47 -11.27
CA ILE A 43 3.05 5.63 -10.75
C ILE A 43 2.73 5.37 -9.26
N ILE A 44 2.88 6.38 -8.44
CA ILE A 44 2.41 6.33 -7.07
C ILE A 44 1.82 7.68 -6.68
N PHE A 45 0.69 7.67 -6.00
CA PHE A 45 0.12 8.89 -5.49
C PHE A 45 -0.67 8.58 -4.23
N PRO A 46 -0.83 9.57 -3.34
CA PRO A 46 -1.60 9.36 -2.12
C PRO A 46 -3.03 8.85 -2.34
N SER A 47 -3.46 7.89 -1.53
CA SER A 47 -4.82 7.33 -1.59
C SER A 47 -5.83 8.27 -0.94
N ARG A 48 -6.06 9.41 -1.58
CA ARG A 48 -6.90 10.50 -1.09
C ARG A 48 -7.67 11.09 -2.23
N TRP A 49 -8.94 11.41 -2.02
CA TRP A 49 -9.72 12.15 -3.01
C TRP A 49 -10.74 13.03 -2.33
N ALA A 50 -11.20 14.04 -3.05
CA ALA A 50 -12.19 14.99 -2.53
C ALA A 50 -13.12 15.42 -3.65
N VAL A 51 -14.41 15.45 -3.34
CA VAL A 51 -15.40 15.90 -4.31
C VAL A 51 -15.20 17.39 -4.52
N THR A 52 -15.35 17.83 -5.75
CA THR A 52 -15.34 19.25 -6.09
C THR A 52 -16.60 19.62 -6.89
N GLU A 53 -17.18 20.78 -6.58
CA GLU A 53 -18.28 21.31 -7.34
C GLU A 53 -17.90 22.35 -8.40
N THR A 54 -16.61 22.46 -8.72
CA THR A 54 -16.15 23.37 -9.78
C THR A 54 -16.78 23.00 -11.14
N GLU A 55 -17.03 24.02 -11.99
CA GLU A 55 -17.44 23.74 -13.39
C GLU A 55 -16.22 23.42 -14.25
N SER A 56 -15.05 23.85 -13.80
CA SER A 56 -13.77 23.44 -14.40
C SER A 56 -13.52 21.90 -14.49
N TRP A 57 -12.59 21.55 -15.39
CA TRP A 57 -12.05 20.20 -15.47
C TRP A 57 -10.56 20.24 -15.24
N LYS A 62 -2.26 21.54 -14.21
CA LYS A 62 -1.52 20.97 -13.06
C LYS A 62 -2.37 20.09 -12.15
N ILE A 63 -3.59 20.52 -11.88
CA ILE A 63 -4.48 19.78 -10.98
C ILE A 63 -5.61 19.22 -11.84
N PRO A 64 -5.56 17.93 -12.14
CA PRO A 64 -6.65 17.33 -12.95
C PRO A 64 -7.91 17.18 -12.11
N VAL A 65 -9.04 17.36 -12.77
CA VAL A 65 -10.33 17.06 -12.18
C VAL A 65 -10.93 15.92 -12.99
N LEU A 66 -11.36 14.86 -12.33
CA LEU A 66 -11.92 13.70 -12.98
C LEU A 66 -13.37 13.43 -12.57
N SER A 67 -14.06 12.64 -13.43
CA SER A 67 -15.39 12.11 -13.17
C SER A 67 -15.52 10.75 -13.77
N THR A 68 -16.28 9.87 -13.12
CA THR A 68 -16.62 8.58 -13.74
C THR A 68 -18.07 8.55 -14.19
N ASP A 69 -18.81 9.64 -14.02
CA ASP A 69 -20.24 9.67 -14.38
C ASP A 69 -20.60 10.89 -15.23
N GLY A 70 -19.67 11.26 -16.09
CA GLY A 70 -19.87 12.35 -17.03
C GLY A 70 -20.12 13.72 -16.40
N GLY A 71 -19.50 14.01 -15.26
CA GLY A 71 -19.62 15.31 -14.64
C GLY A 71 -20.69 15.47 -13.59
N GLN A 72 -21.53 14.47 -13.37
CA GLN A 72 -22.52 14.55 -12.28
C GLN A 72 -21.79 14.71 -10.94
N THR A 73 -20.68 13.98 -10.80
CA THR A 73 -19.82 14.02 -9.63
C THR A 73 -18.38 14.18 -10.13
N LYS A 74 -17.63 15.12 -9.54
CA LYS A 74 -16.22 15.31 -9.93
C LYS A 74 -15.34 15.26 -8.69
N PHE A 75 -14.08 14.87 -8.88
CA PHE A 75 -13.17 14.78 -7.79
C PHE A 75 -11.72 15.14 -8.18
N ILE A 76 -10.97 15.53 -7.14
CA ILE A 76 -9.54 15.73 -7.21
C ILE A 76 -8.88 14.67 -6.29
N TYR A 77 -7.69 14.22 -6.66
CA TYR A 77 -7.08 13.09 -5.98
C TYR A 77 -5.57 13.31 -5.72
N GLY A 78 -4.99 12.42 -4.92
CA GLY A 78 -3.58 12.43 -4.71
C GLY A 78 -3.16 13.56 -3.80
N LYS A 79 -1.98 14.12 -4.08
CA LYS A 79 -1.40 15.17 -3.24
C LYS A 79 -2.24 16.48 -3.24
N TYR A 80 -3.06 16.68 -4.28
CA TYR A 80 -3.97 17.86 -4.35
C TYR A 80 -5.26 17.78 -3.59
N ALA A 81 -5.69 16.59 -3.19
CA ALA A 81 -6.95 16.47 -2.47
C ALA A 81 -6.77 17.07 -1.09
N SER A 82 -7.57 18.10 -0.82
CA SER A 82 -7.28 19.10 0.17
C SER A 82 -8.56 19.61 0.75
N GLY A 83 -8.47 20.05 1.99
CA GLY A 83 -9.59 20.67 2.64
C GLY A 83 -10.27 19.69 3.56
N ASN A 84 -11.57 19.86 3.66
CA ASN A 84 -12.36 18.95 4.42
C ASN A 84 -12.85 17.90 3.46
N ASN A 85 -13.43 16.87 4.02
CA ASN A 85 -14.13 15.90 3.24
C ASN A 85 -13.24 15.13 2.27
N ILE A 86 -11.98 15.00 2.63
CA ILE A 86 -11.08 14.07 1.95
C ILE A 86 -11.57 12.66 2.28
N ARG A 87 -11.63 11.81 1.25
CA ARG A 87 -11.97 10.40 1.40
C ARG A 87 -10.73 9.54 1.24
N VAL A 88 -10.63 8.50 2.04
CA VAL A 88 -9.49 7.58 2.06
C VAL A 88 -10.01 6.18 2.24
N PRO A 89 -9.26 5.16 1.82
CA PRO A 89 -9.73 3.79 1.94
C PRO A 89 -9.89 3.36 3.41
N GLN A 90 -10.70 2.36 3.63
CA GLN A 90 -10.84 1.74 4.96
C GLN A 90 -9.66 0.83 5.31
N GLY A 91 -8.94 0.35 4.30
CA GLY A 91 -7.75 -0.45 4.54
C GLY A 91 -7.08 -0.75 3.20
N ASP A 92 -6.05 -1.59 3.21
CA ASP A 92 -5.40 -2.06 1.97
C ASP A 92 -6.29 -3.03 1.15
N GLY A 93 -6.13 -2.98 -0.16
CA GLY A 93 -6.80 -3.93 -1.06
C GLY A 93 -8.32 -4.00 -0.98
N ARG A 94 -8.98 -2.86 -0.73
CA ARG A 94 -10.45 -2.81 -0.68
C ARG A 94 -11.00 -2.34 -2.00
N LEU A 95 -10.78 -3.15 -3.03
CA LEU A 95 -11.03 -2.73 -4.39
C LEU A 95 -12.51 -2.61 -4.74
N ALA A 96 -13.40 -3.26 -3.98
CA ALA A 96 -14.85 -3.15 -4.21
C ALA A 96 -15.50 -1.99 -3.48
N SER A 97 -14.75 -1.28 -2.65
CA SER A 97 -15.28 -0.25 -1.81
C SER A 97 -15.55 1.04 -2.57
N LYS A 98 -16.50 1.81 -2.06
CA LYS A 98 -16.78 3.13 -2.62
C LYS A 98 -15.57 4.05 -2.56
N GLU A 99 -14.79 3.92 -1.50
CA GLU A 99 -13.63 4.76 -1.30
C GLU A 99 -12.51 4.52 -2.31
N ALA A 100 -12.39 3.29 -2.78
CA ALA A 100 -11.40 2.88 -3.76
C ALA A 100 -11.72 3.28 -5.20
N PHE A 101 -12.99 3.35 -5.56
CA PHE A 101 -13.33 3.52 -6.96
C PHE A 101 -12.71 4.76 -7.63
N PRO A 102 -12.83 5.96 -7.04
CA PRO A 102 -12.17 7.12 -7.66
C PRO A 102 -10.65 6.94 -7.82
N LEU A 103 -10.02 6.19 -6.89
CA LEU A 103 -8.58 5.97 -6.94
C LEU A 103 -8.20 5.02 -8.08
N ILE A 104 -9.05 4.02 -8.32
CA ILE A 104 -8.88 3.13 -9.47
C ILE A 104 -9.03 3.90 -10.77
N ALA A 105 -10.03 4.78 -10.82
CA ALA A 105 -10.21 5.62 -12.02
C ALA A 105 -8.99 6.52 -12.22
N ALA A 106 -8.51 7.12 -11.15
CA ALA A 106 -7.37 8.00 -11.21
C ALA A 106 -6.11 7.24 -11.64
N ALA A 107 -5.93 6.02 -11.13
CA ALA A 107 -4.82 5.15 -11.54
C ALA A 107 -4.79 4.89 -13.04
N LEU A 108 -5.94 4.55 -13.58
CA LEU A 108 -6.06 4.31 -15.04
C LEU A 108 -5.82 5.59 -15.85
N TRP A 109 -6.38 6.70 -15.40
CA TRP A 109 -6.09 8.00 -15.98
C TRP A 109 -4.59 8.36 -15.97
N GLU A 110 -3.95 8.22 -14.81
CA GLU A 110 -2.53 8.50 -14.72
C GLU A 110 -1.64 7.57 -15.56
N SER A 111 -2.07 6.34 -15.79
CA SER A 111 -1.30 5.41 -16.58
C SER A 111 -1.07 5.99 -18.00
N GLY A 112 -1.99 6.84 -18.47
CA GLY A 112 -1.95 7.40 -19.82
C GLY A 112 -2.36 6.40 -20.89
N ILE A 113 -2.65 5.17 -20.50
CA ILE A 113 -3.10 4.14 -21.44
C ILE A 113 -4.42 4.61 -22.03
N HIS A 114 -4.50 4.51 -23.36
CA HIS A 114 -5.52 5.19 -24.14
C HIS A 114 -5.83 4.44 -25.43
N ASN A 115 -7.02 4.70 -25.97
CA ASN A 115 -7.48 4.13 -27.23
C ASN A 115 -8.35 5.12 -27.98
N PRO A 119 -11.76 2.19 -26.72
CA PRO A 119 -12.02 1.54 -25.41
C PRO A 119 -11.01 0.43 -25.06
N VAL A 120 -10.00 0.71 -24.25
CA VAL A 120 -8.91 -0.24 -23.98
C VAL A 120 -9.35 -1.48 -23.16
N ASP A 121 -9.08 -2.68 -23.68
CA ASP A 121 -9.32 -3.91 -22.92
C ASP A 121 -8.18 -4.16 -21.96
N LEU A 122 -8.49 -4.27 -20.66
CA LEU A 122 -7.48 -4.40 -19.63
C LEU A 122 -7.57 -5.70 -18.92
N VAL A 123 -6.44 -6.24 -18.52
CA VAL A 123 -6.38 -7.22 -17.45
C VAL A 123 -5.65 -6.50 -16.30
N ILE A 124 -6.28 -6.47 -15.13
CA ILE A 124 -5.66 -5.86 -13.94
C ILE A 124 -5.15 -6.98 -13.01
N GLY A 125 -3.89 -6.91 -12.63
CA GLY A 125 -3.33 -7.76 -11.60
C GLY A 125 -3.28 -6.94 -10.29
N SER A 126 -3.94 -7.44 -9.26
CA SER A 126 -4.00 -6.74 -7.97
C SER A 126 -3.94 -7.74 -6.82
N GLY A 127 -4.22 -7.26 -5.63
CA GLY A 127 -4.15 -8.10 -4.45
C GLY A 127 -4.85 -7.48 -3.27
N THR A 128 -4.92 -8.27 -2.20
CA THR A 128 -5.65 -7.88 -1.01
C THR A 128 -5.14 -8.78 0.16
N PRO A 129 -5.22 -8.29 1.39
CA PRO A 129 -4.77 -9.10 2.56
C PRO A 129 -5.33 -10.50 2.60
N LEU A 130 -4.52 -11.45 3.05
CA LEU A 130 -4.91 -12.83 3.04
C LEU A 130 -6.14 -13.18 3.89
N GLY A 131 -6.27 -12.55 5.08
CA GLY A 131 -7.30 -12.88 6.06
C GLY A 131 -8.73 -12.85 5.54
N THR A 132 -9.00 -11.92 4.61
CA THR A 132 -10.32 -11.83 3.96
C THR A 132 -10.20 -11.93 2.46
N PHE A 133 -9.19 -12.67 2.00
CA PHE A 133 -8.86 -12.78 0.57
C PHE A 133 -10.04 -13.24 -0.29
N ASP A 134 -10.63 -14.37 0.04
CA ASP A 134 -11.75 -14.85 -0.81
C ASP A 134 -12.94 -13.88 -0.89
N LEU A 135 -13.34 -13.32 0.26
CA LEU A 135 -14.41 -12.31 0.31
C LEU A 135 -14.12 -11.06 -0.56
N GLU A 136 -12.96 -10.45 -0.36
CA GLU A 136 -12.58 -9.25 -1.09
C GLU A 136 -12.34 -9.56 -2.57
N VAL A 137 -11.84 -10.74 -2.91
CA VAL A 137 -11.65 -11.11 -4.32
C VAL A 137 -13.03 -11.21 -5.01
N LYS A 138 -13.98 -11.91 -4.38
CA LYS A 138 -15.33 -12.04 -4.91
C LYS A 138 -15.96 -10.64 -5.11
N ALA A 139 -15.91 -9.79 -4.08
CA ALA A 139 -16.46 -8.43 -4.15
C ALA A 139 -15.84 -7.59 -5.28
N ALA A 140 -14.51 -7.72 -5.44
CA ALA A 140 -13.75 -6.94 -6.42
C ALA A 140 -14.14 -7.34 -7.83
N LYS A 141 -14.22 -8.64 -8.05
CA LYS A 141 -14.63 -9.17 -9.34
C LYS A 141 -16.05 -8.69 -9.67
N GLU A 142 -16.95 -8.72 -8.69
CA GLU A 142 -18.31 -8.29 -8.93
C GLU A 142 -18.40 -6.80 -9.26
N ALA A 143 -17.54 -6.00 -8.61
CA ALA A 143 -17.53 -4.56 -8.75
C ALA A 143 -16.90 -4.14 -10.06
N LEU A 144 -15.92 -4.91 -10.55
CA LEU A 144 -14.99 -4.44 -11.58
C LEU A 144 -14.89 -5.23 -12.83
N GLU A 145 -15.04 -6.56 -12.78
CA GLU A 145 -14.85 -7.36 -13.98
C GLU A 145 -16.01 -7.17 -14.95
N ASN A 146 -15.70 -7.17 -16.23
CA ASN A 146 -16.70 -6.96 -17.29
C ASN A 146 -17.52 -5.70 -17.09
N LYS A 147 -16.87 -4.66 -16.53
CA LYS A 147 -17.45 -3.33 -16.47
C LYS A 147 -16.68 -2.44 -17.43
N VAL A 148 -17.40 -1.53 -18.08
CA VAL A 148 -16.80 -0.43 -18.82
C VAL A 148 -16.70 0.80 -17.91
N LEU A 149 -15.48 1.24 -17.70
CA LEU A 149 -15.24 2.45 -16.92
C LEU A 149 -14.93 3.59 -17.84
N THR A 150 -15.68 4.66 -17.69
CA THR A 150 -15.53 5.84 -18.54
C THR A 150 -15.11 6.98 -17.64
N VAL A 151 -13.91 7.50 -17.87
CA VAL A 151 -13.37 8.58 -17.04
C VAL A 151 -13.29 9.87 -17.89
N THR A 152 -13.87 10.95 -17.37
CA THR A 152 -13.76 12.29 -17.94
C THR A 152 -12.77 13.15 -17.19
N GLY A 153 -11.95 13.91 -17.93
CA GLY A 153 -10.88 14.67 -17.34
C GLY A 153 -10.72 16.07 -17.94
N PRO A 154 -9.52 16.64 -17.77
CA PRO A 154 -9.23 17.98 -18.28
C PRO A 154 -9.65 18.18 -19.74
N GLU A 155 -10.25 19.34 -20.00
CA GLU A 155 -10.70 19.73 -21.35
C GLU A 155 -11.85 18.83 -21.80
N GLY A 156 -12.51 18.18 -20.83
CA GLY A 156 -13.53 17.21 -21.17
C GLY A 156 -13.11 15.96 -21.93
N GLU A 157 -11.82 15.62 -22.00
CA GLU A 157 -11.38 14.37 -22.65
C GLU A 157 -11.99 13.17 -21.91
N VAL A 158 -12.37 12.14 -22.66
CA VAL A 158 -12.89 10.88 -22.13
C VAL A 158 -11.94 9.75 -22.49
N ARG A 159 -11.62 8.93 -21.49
CA ARG A 159 -10.90 7.71 -21.69
C ARG A 159 -11.75 6.55 -21.14
N GLN A 160 -11.83 5.49 -21.92
CA GLN A 160 -12.65 4.35 -21.58
C GLN A 160 -11.85 3.05 -21.44
N PHE A 161 -12.16 2.27 -20.40
CA PHE A 161 -11.43 1.05 -20.03
C PHE A 161 -12.42 -0.09 -19.82
N ASN A 162 -12.21 -1.20 -20.51
CA ASN A 162 -13.01 -2.40 -20.39
C ASN A 162 -12.23 -3.38 -19.57
N ILE A 163 -12.69 -3.60 -18.36
CA ILE A 163 -11.97 -4.47 -17.48
C ILE A 163 -12.44 -5.87 -17.81
N THR A 164 -11.58 -6.65 -18.47
CA THR A 164 -11.93 -8.02 -18.94
C THR A 164 -11.62 -9.07 -17.91
N ARG A 165 -10.64 -8.80 -17.06
CA ARG A 165 -10.23 -9.82 -16.09
C ARG A 165 -9.47 -9.17 -14.98
N LEU A 166 -9.72 -9.64 -13.77
CA LEU A 166 -9.00 -9.24 -12.59
C LEU A 166 -8.31 -10.48 -12.03
N ILE A 167 -6.98 -10.44 -11.95
CA ILE A 167 -6.19 -11.50 -11.36
C ILE A 167 -5.71 -10.97 -9.99
N MET A 168 -5.81 -11.80 -8.96
CA MET A 168 -5.57 -11.40 -7.59
C MET A 168 -4.62 -12.34 -6.89
N ARG A 169 -3.71 -11.79 -6.09
CA ARG A 169 -2.86 -12.60 -5.21
C ARG A 169 -2.89 -12.01 -3.82
N PRO A 170 -2.68 -12.80 -2.75
CA PRO A 170 -2.62 -12.27 -1.39
C PRO A 170 -1.54 -11.24 -1.23
N GLN A 171 -1.83 -10.16 -0.51
CA GLN A 171 -0.81 -9.19 -0.18
C GLN A 171 0.36 -9.91 0.53
N GLY A 172 1.57 -9.56 0.16
CA GLY A 172 2.74 -10.30 0.59
C GLY A 172 3.22 -11.37 -0.39
N VAL A 173 2.30 -12.11 -0.95
CA VAL A 173 2.65 -13.08 -1.98
C VAL A 173 3.14 -12.35 -3.23
N GLY A 174 2.50 -11.23 -3.58
CA GLY A 174 2.97 -10.38 -4.68
C GLY A 174 4.44 -10.02 -4.51
N ALA A 175 4.81 -9.50 -3.35
CA ALA A 175 6.17 -9.16 -3.10
C ALA A 175 7.16 -10.36 -3.17
N ALA A 176 6.79 -11.46 -2.54
CA ALA A 176 7.63 -12.67 -2.56
C ALA A 176 7.85 -13.22 -3.99
N LEU A 177 6.81 -13.15 -4.82
CA LEU A 177 6.93 -13.63 -6.20
C LEU A 177 7.84 -12.70 -7.00
N TYR A 178 7.75 -11.38 -6.77
CA TYR A 178 8.65 -10.42 -7.40
C TYR A 178 10.10 -10.66 -7.00
N LEU A 179 10.32 -10.80 -5.70
CA LEU A 179 11.67 -11.07 -5.22
C LEU A 179 12.25 -12.39 -5.74
N LEU A 180 11.42 -13.41 -5.88
CA LEU A 180 11.82 -14.68 -6.43
C LEU A 180 12.21 -14.49 -7.91
N ASN A 181 11.35 -13.82 -8.65
CA ASN A 181 11.60 -13.55 -10.06
C ASN A 181 12.91 -12.78 -10.29
N GLN A 182 13.25 -11.87 -9.36
CA GLN A 182 14.48 -11.06 -9.38
C GLN A 182 15.74 -11.79 -8.88
N GLY A 183 15.56 -12.95 -8.26
CA GLY A 183 16.65 -13.77 -7.82
C GLY A 183 17.10 -13.35 -6.46
N ILE A 184 16.33 -12.49 -5.78
CA ILE A 184 16.70 -11.96 -4.46
C ILE A 184 16.41 -12.98 -3.33
N ILE A 185 15.38 -13.79 -3.54
CA ILE A 185 15.18 -14.98 -2.70
C ILE A 185 15.14 -16.20 -3.60
N GLU A 186 15.22 -17.39 -3.01
CA GLU A 186 15.26 -18.64 -3.78
C GLU A 186 14.38 -19.71 -3.14
N GLN A 187 13.78 -20.57 -3.94
CA GLN A 187 12.94 -21.63 -3.40
C GLN A 187 13.86 -22.66 -2.73
N GLN A 188 13.42 -23.12 -1.58
CA GLN A 188 14.19 -24.01 -0.71
C GLN A 188 13.26 -24.45 0.42
N PRO A 189 13.64 -25.48 1.18
CA PRO A 189 12.91 -25.80 2.42
C PRO A 189 13.01 -24.63 3.41
N GLY A 190 11.91 -24.31 4.08
CA GLY A 190 11.87 -23.16 4.98
C GLY A 190 10.83 -22.09 4.55
N TYR A 191 10.66 -21.08 5.40
CA TYR A 191 9.61 -20.09 5.28
C TYR A 191 10.20 -18.71 4.97
N GLY A 192 9.47 -17.95 4.16
CA GLY A 192 9.67 -16.52 4.00
C GLY A 192 8.61 -15.83 4.87
N VAL A 193 8.99 -14.78 5.56
CA VAL A 193 8.07 -13.99 6.33
C VAL A 193 8.12 -12.56 5.82
N VAL A 194 7.01 -12.11 5.25
CA VAL A 194 6.90 -10.76 4.71
C VAL A 194 6.17 -9.90 5.74
N ILE A 195 6.82 -8.84 6.20
CA ILE A 195 6.32 -7.98 7.26
C ILE A 195 6.05 -6.59 6.64
N ASP A 196 4.79 -6.26 6.41
CA ASP A 196 4.40 -5.04 5.69
C ASP A 196 3.86 -4.02 6.68
N VAL A 197 4.67 -3.03 7.03
CA VAL A 197 4.29 -2.07 8.05
C VAL A 197 3.65 -0.90 7.31
N GLY A 198 2.35 -0.80 7.43
CA GLY A 198 1.64 0.33 6.87
C GLY A 198 1.31 1.37 7.95
N SER A 199 0.45 2.32 7.58
CA SER A 199 0.04 3.39 8.49
C SER A 199 -0.82 2.86 9.65
N ARG A 200 -1.80 2.03 9.33
CA ARG A 200 -2.74 1.54 10.32
C ARG A 200 -2.62 0.07 10.73
N THR A 201 -2.09 -0.75 9.83
CA THR A 201 -1.92 -2.18 10.11
C THR A 201 -0.55 -2.65 9.70
N THR A 202 -0.18 -3.77 10.29
CA THR A 202 0.99 -4.54 9.89
C THR A 202 0.56 -5.97 9.44
N ASP A 203 0.76 -6.23 8.15
CA ASP A 203 0.30 -7.46 7.49
C ASP A 203 1.51 -8.39 7.46
N VAL A 204 1.36 -9.55 8.06
CA VAL A 204 2.42 -10.54 8.12
C VAL A 204 1.97 -11.73 7.31
N LEU A 205 2.70 -12.01 6.25
CA LEU A 205 2.42 -13.14 5.40
C LEU A 205 3.60 -14.13 5.45
N THR A 206 3.32 -15.33 5.95
CA THR A 206 4.30 -16.42 5.99
C THR A 206 4.04 -17.32 4.79
N ILE A 207 5.10 -17.53 4.02
CA ILE A 207 5.08 -18.31 2.79
C ILE A 207 6.04 -19.50 2.86
N ASN A 208 5.58 -20.64 2.34
CA ASN A 208 6.39 -21.84 2.24
C ASN A 208 7.22 -21.71 0.97
N LEU A 209 8.52 -21.63 1.11
CA LEU A 209 9.37 -21.42 -0.05
C LEU A 209 9.47 -22.67 -0.98
N MET A 210 8.99 -23.82 -0.54
CA MET A 210 9.00 -24.99 -1.42
C MET A 210 8.08 -24.78 -2.58
N ASP A 211 6.95 -24.07 -2.39
CA ASP A 211 5.92 -23.95 -3.43
C ASP A 211 5.33 -22.55 -3.60
N MET A 212 5.85 -21.60 -2.84
CA MET A 212 5.36 -20.21 -2.77
C MET A 212 3.92 -20.05 -2.38
N GLU A 213 3.44 -20.96 -1.54
CA GLU A 213 2.06 -20.90 -1.05
C GLU A 213 2.04 -20.32 0.36
N PRO A 214 1.06 -19.49 0.69
CA PRO A 214 0.92 -19.01 2.06
C PRO A 214 0.66 -20.10 3.08
N VAL A 215 1.17 -19.88 4.29
CA VAL A 215 0.89 -20.71 5.40
C VAL A 215 -0.15 -19.93 6.24
N VAL A 216 -1.42 -20.31 6.09
CA VAL A 216 -2.50 -19.54 6.72
C VAL A 216 -2.36 -19.48 8.22
N GLU A 217 -1.81 -20.54 8.83
CA GLU A 217 -1.76 -20.63 10.27
C GLU A 217 -0.77 -19.63 10.84
N LEU A 218 0.16 -19.13 10.00
CA LEU A 218 1.29 -18.31 10.42
C LEU A 218 1.21 -16.93 9.76
N SER A 219 0.02 -16.57 9.28
CA SER A 219 -0.17 -15.31 8.57
C SER A 219 -1.29 -14.58 9.28
N PHE A 220 -1.18 -13.27 9.40
CA PHE A 220 -2.08 -12.53 10.30
C PHE A 220 -1.88 -11.03 10.12
N SER A 221 -2.77 -10.23 10.70
CA SER A 221 -2.77 -8.77 10.53
C SER A 221 -2.79 -8.18 11.90
N LEU A 222 -1.78 -7.34 12.20
CA LEU A 222 -1.69 -6.69 13.50
C LEU A 222 -2.27 -5.29 13.37
N GLN A 223 -3.09 -4.87 14.31
CA GLN A 223 -3.72 -3.56 14.19
C GLN A 223 -2.83 -2.46 14.80
N ILE A 224 -1.65 -2.30 14.20
CA ILE A 224 -0.65 -1.32 14.65
C ILE A 224 0.18 -0.99 13.43
N GLY A 225 0.60 0.27 13.33
CA GLY A 225 1.44 0.71 12.23
C GLY A 225 2.06 2.09 12.50
N VAL A 226 2.58 2.73 11.47
CA VAL A 226 3.27 4.00 11.61
C VAL A 226 2.34 5.07 12.19
N GLY A 227 1.04 5.01 11.96
CA GLY A 227 0.10 5.97 12.51
C GLY A 227 0.03 6.00 14.00
N ASP A 228 0.33 4.88 14.62
CA ASP A 228 0.42 4.82 16.08
C ASP A 228 1.63 5.58 16.60
N ALA A 229 2.74 5.52 15.85
CA ALA A 229 3.92 6.34 16.17
C ALA A 229 3.65 7.81 15.92
N ILE A 230 2.95 8.13 14.83
CA ILE A 230 2.55 9.53 14.51
C ILE A 230 1.63 10.10 15.60
N SER A 231 0.66 9.30 16.04
CA SER A 231 -0.24 9.75 17.10
C SER A 231 0.50 9.93 18.41
N ALA A 232 1.38 9.01 18.73
CA ALA A 232 2.19 9.13 19.95
C ALA A 232 3.08 10.41 19.94
N LEU A 233 3.67 10.73 18.79
CA LEU A 233 4.50 11.93 18.69
C LEU A 233 3.64 13.20 18.77
N SER A 234 2.46 13.17 18.16
CA SER A 234 1.54 14.28 18.28
C SER A 234 1.11 14.55 19.73
N ARG A 235 0.73 13.49 20.46
CA ARG A 235 0.38 13.61 21.86
C ARG A 235 1.50 14.19 22.69
N LYS A 236 2.74 13.74 22.41
CA LYS A 236 3.92 14.20 23.14
C LYS A 236 4.17 15.69 22.90
N ILE A 237 4.04 16.13 21.65
CA ILE A 237 4.18 17.54 21.29
C ILE A 237 3.11 18.41 22.00
N ALA A 238 1.87 17.93 21.93
CA ALA A 238 0.76 18.60 22.57
C ALA A 238 0.92 18.73 24.10
N LYS A 239 1.37 17.66 24.73
CA LYS A 239 1.58 17.63 26.15
C LYS A 239 2.68 18.61 26.57
N GLU A 240 3.65 18.84 25.68
CA GLU A 240 4.80 19.66 25.99
C GLU A 240 4.66 21.12 25.57
N THR A 241 3.91 21.40 24.50
CA THR A 241 3.82 22.74 23.90
C THR A 241 2.43 23.31 23.83
N GLY A 242 1.42 22.48 24.02
CA GLY A 242 0.05 22.87 23.73
C GLY A 242 -0.34 22.82 22.25
N PHE A 243 0.60 22.61 21.33
CA PHE A 243 0.23 22.65 19.91
C PHE A 243 -0.36 21.32 19.49
N VAL A 244 -1.39 21.42 18.66
CA VAL A 244 -2.03 20.32 17.94
C VAL A 244 -1.52 20.30 16.48
N VAL A 245 -0.47 19.52 16.22
CA VAL A 245 0.18 19.55 14.88
C VAL A 245 -0.66 18.73 13.88
N PRO A 246 -0.82 19.18 12.65
CA PRO A 246 -1.52 18.35 11.66
C PRO A 246 -0.83 17.01 11.42
N PHE A 247 -1.59 16.01 11.04
CA PHE A 247 -1.10 14.64 10.87
C PHE A 247 0.06 14.54 9.89
N ASP A 248 -0.06 15.18 8.72
CA ASP A 248 0.99 15.11 7.68
C ASP A 248 2.28 15.74 8.20
N LEU A 249 2.16 16.80 9.00
CA LEU A 249 3.37 17.42 9.57
C LEU A 249 4.02 16.54 10.65
N ALA A 250 3.21 15.90 11.48
CA ALA A 250 3.71 14.95 12.47
C ALA A 250 4.42 13.76 11.82
N GLN A 251 3.88 13.24 10.73
CA GLN A 251 4.56 12.16 10.00
C GLN A 251 5.97 12.61 9.57
N GLU A 252 6.09 13.83 9.05
CA GLU A 252 7.42 14.37 8.70
C GLU A 252 8.29 14.41 9.91
N ALA A 253 7.73 14.80 11.05
CA ALA A 253 8.51 14.97 12.27
C ALA A 253 9.07 13.66 12.83
N LEU A 254 8.65 12.52 12.28
CA LEU A 254 9.31 11.24 12.58
C LEU A 254 10.78 11.14 12.10
N SER A 255 11.07 11.72 10.94
CA SER A 255 12.41 11.64 10.31
C SER A 255 13.29 12.87 10.55
N HIS A 256 12.67 14.05 10.61
CA HIS A 256 13.42 15.28 10.89
C HIS A 256 12.59 16.38 11.59
N PRO A 257 13.28 17.29 12.27
CA PRO A 257 12.54 18.36 12.97
C PRO A 257 11.80 19.23 11.97
N VAL A 258 10.67 19.74 12.43
CA VAL A 258 9.80 20.56 11.63
C VAL A 258 9.50 21.83 12.40
N MET A 259 9.01 22.82 11.68
CA MET A 259 8.57 24.08 12.23
C MET A 259 7.06 24.08 12.27
N PHE A 260 6.50 24.49 13.42
CA PHE A 260 5.07 24.70 13.59
C PHE A 260 4.87 25.90 14.53
N ARG A 261 4.04 26.86 14.10
CA ARG A 261 3.83 28.13 14.83
C ARG A 261 5.16 28.71 15.35
N GLN A 262 6.13 28.83 14.45
CA GLN A 262 7.42 29.48 14.71
C GLN A 262 8.25 28.78 15.83
N LYS A 263 8.00 27.48 15.99
CA LYS A 263 8.77 26.62 16.89
C LYS A 263 9.22 25.35 16.14
N GLN A 264 10.41 24.85 16.47
CA GLN A 264 10.91 23.60 15.93
C GLN A 264 10.49 22.45 16.85
N VAL A 265 9.85 21.43 16.29
CA VAL A 265 9.34 20.31 17.08
C VAL A 265 9.65 18.98 16.41
N GLY A 266 9.76 17.93 17.22
CA GLY A 266 10.00 16.58 16.75
C GLY A 266 11.42 16.24 16.29
N GLY A 267 11.51 15.36 15.31
CA GLY A 267 12.77 14.86 14.79
C GLY A 267 13.17 13.60 15.49
N PRO A 268 14.26 12.97 15.02
CA PRO A 268 14.70 11.66 15.52
C PRO A 268 15.01 11.57 17.00
N GLU A 269 15.41 12.65 17.66
CA GLU A 269 15.68 12.58 19.11
C GLU A 269 14.39 12.20 19.82
N VAL A 270 13.29 12.75 19.33
CA VAL A 270 11.97 12.55 19.93
C VAL A 270 11.28 11.27 19.39
N SER A 271 11.37 11.08 18.09
CA SER A 271 10.67 9.99 17.44
C SER A 271 11.36 8.65 17.73
N GLY A 272 12.65 8.69 18.05
CA GLY A 272 13.43 7.48 18.21
C GLY A 272 12.85 6.43 19.14
N PRO A 273 12.65 6.77 20.40
CA PRO A 273 11.99 5.88 21.37
C PRO A 273 10.56 5.39 21.05
N ILE A 274 9.78 6.22 20.34
CA ILE A 274 8.42 5.87 19.94
C ILE A 274 8.51 4.81 18.82
N LEU A 275 9.39 5.02 17.86
CA LEU A 275 9.64 4.05 16.79
C LEU A 275 10.21 2.74 17.24
N GLU A 276 11.07 2.76 18.26
CA GLU A 276 11.56 1.52 18.86
C GLU A 276 10.43 0.77 19.57
N ASP A 277 9.54 1.50 20.23
CA ASP A 277 8.37 0.90 20.85
C ASP A 277 7.50 0.25 19.80
N LEU A 278 7.29 0.89 18.66
CA LEU A 278 6.46 0.27 17.58
C LEU A 278 7.08 -1.04 17.11
N ALA A 279 8.37 -0.99 16.82
CA ALA A 279 9.14 -2.16 16.42
C ALA A 279 9.08 -3.27 17.46
N ASN A 280 9.32 -2.95 18.71
CA ASN A 280 9.28 -3.92 19.77
C ASN A 280 7.90 -4.64 19.85
N ARG A 281 6.80 -3.89 19.67
CA ARG A 281 5.46 -4.51 19.76
C ARG A 281 5.22 -5.45 18.60
N ILE A 282 5.67 -5.06 17.40
CA ILE A 282 5.50 -5.94 16.25
C ILE A 282 6.31 -7.20 16.41
N ILE A 283 7.57 -7.05 16.81
CA ILE A 283 8.46 -8.19 17.00
C ILE A 283 7.90 -9.17 18.06
N GLU A 284 7.42 -8.63 19.17
CA GLU A 284 6.84 -9.49 20.22
C GLU A 284 5.61 -10.28 19.73
N ASN A 285 4.73 -9.63 18.98
CA ASN A 285 3.56 -10.25 18.43
C ASN A 285 3.90 -11.32 17.34
N ILE A 286 4.86 -11.02 16.46
CA ILE A 286 5.37 -12.01 15.52
C ILE A 286 5.94 -13.24 16.21
N ARG A 287 6.78 -13.05 17.22
CA ARG A 287 7.32 -14.15 17.99
C ARG A 287 6.28 -15.01 18.64
N LEU A 288 5.29 -14.39 19.25
CA LEU A 288 4.21 -15.16 19.89
C LEU A 288 3.43 -16.02 18.90
N ASN A 289 3.15 -15.45 17.75
CA ASN A 289 2.37 -16.11 16.71
C ASN A 289 3.17 -17.22 16.02
N LEU A 290 4.47 -17.04 15.84
CA LEU A 290 5.28 -18.01 15.12
C LEU A 290 5.80 -19.11 16.03
N ARG A 291 6.00 -18.77 17.31
CA ARG A 291 6.50 -19.72 18.30
C ARG A 291 7.69 -20.51 17.73
N GLY A 292 7.70 -21.82 17.90
CA GLY A 292 8.76 -22.66 17.38
C GLY A 292 8.98 -22.67 15.89
N GLU A 293 8.00 -22.18 15.12
CA GLU A 293 8.13 -22.21 13.66
C GLU A 293 9.12 -21.18 13.16
N VAL A 294 9.52 -20.27 14.03
CA VAL A 294 10.55 -19.31 13.71
C VAL A 294 11.83 -20.02 13.25
N ASP A 295 12.02 -21.27 13.70
CA ASP A 295 13.21 -22.06 13.35
C ASP A 295 13.19 -22.51 11.90
N ARG A 296 12.04 -22.41 11.25
CA ARG A 296 11.95 -22.69 9.80
C ARG A 296 12.16 -21.46 8.94
N VAL A 297 12.24 -20.27 9.56
CA VAL A 297 12.38 -19.04 8.79
C VAL A 297 13.76 -18.92 8.21
N THR A 298 13.85 -18.81 6.87
CA THR A 298 15.13 -18.53 6.18
C THR A 298 15.22 -17.15 5.55
N SER A 299 14.10 -16.45 5.38
CA SER A 299 14.12 -15.10 4.85
C SER A 299 13.07 -14.26 5.55
N LEU A 300 13.49 -13.10 6.07
CA LEU A 300 12.62 -12.07 6.67
C LEU A 300 12.61 -10.89 5.72
N ILE A 301 11.42 -10.44 5.31
CA ILE A 301 11.29 -9.50 4.22
C ILE A 301 10.43 -8.30 4.63
N PRO A 302 11.07 -7.26 5.14
CA PRO A 302 10.31 -6.06 5.52
C PRO A 302 9.96 -5.23 4.31
N VAL A 303 8.68 -4.91 4.18
CA VAL A 303 8.15 -4.11 3.08
C VAL A 303 7.20 -3.06 3.66
N GLY A 304 6.64 -2.23 2.79
CA GLY A 304 5.80 -1.12 3.22
C GLY A 304 6.60 0.12 3.59
N GLY A 305 5.88 1.25 3.69
CA GLY A 305 6.44 2.53 4.12
C GLY A 305 7.10 2.56 5.50
N GLY A 306 6.50 1.85 6.46
CA GLY A 306 7.08 1.70 7.79
C GLY A 306 8.44 1.03 7.85
N SER A 307 8.72 0.11 6.93
CA SER A 307 10.00 -0.58 6.94
C SER A 307 11.20 0.38 6.63
N ASN A 308 10.97 1.49 5.94
CA ASN A 308 11.99 2.57 5.87
C ASN A 308 12.46 3.07 7.22
N LEU A 309 11.55 3.05 8.19
CA LEU A 309 11.84 3.54 9.52
C LEU A 309 12.36 2.53 10.54
N ILE A 310 11.90 1.28 10.47
CA ILE A 310 12.21 0.29 11.49
C ILE A 310 12.57 -1.11 10.93
N GLY A 311 12.66 -1.27 9.63
CA GLY A 311 12.82 -2.59 9.02
C GLY A 311 14.00 -3.39 9.56
N ASP A 312 15.11 -2.68 9.74
CA ASP A 312 16.34 -3.30 10.21
C ASP A 312 16.18 -3.99 11.54
N ARG A 313 15.31 -3.44 12.39
CA ARG A 313 15.03 -4.02 13.68
C ARG A 313 14.44 -5.41 13.59
N PHE A 314 13.85 -5.81 12.48
CA PHE A 314 13.19 -7.11 12.44
C PHE A 314 14.17 -8.29 12.37
N GLU A 315 15.43 -8.01 12.06
CA GLU A 315 16.45 -9.07 12.01
C GLU A 315 16.53 -9.88 13.28
N GLU A 316 16.19 -9.26 14.40
CA GLU A 316 16.30 -9.95 15.67
C GLU A 316 15.31 -11.12 15.78
N ILE A 317 14.24 -11.13 14.99
CA ILE A 317 13.34 -12.28 14.98
C ILE A 317 14.11 -13.54 14.51
N ALA A 318 14.94 -13.40 13.49
CA ALA A 318 15.75 -14.53 12.95
C ALA A 318 17.07 -14.05 12.32
N PRO A 319 18.09 -13.89 13.17
CA PRO A 319 19.38 -13.32 12.76
C PRO A 319 19.97 -13.99 11.52
N GLY A 320 20.47 -13.19 10.60
CA GLY A 320 21.06 -13.72 9.38
C GLY A 320 20.11 -13.94 8.20
N THR A 321 18.81 -13.69 8.37
CA THR A 321 17.83 -14.01 7.34
C THR A 321 17.26 -12.78 6.69
N LEU A 322 17.70 -11.61 7.11
CA LEU A 322 17.09 -10.38 6.65
C LEU A 322 17.39 -10.17 5.17
N VAL A 323 16.33 -9.94 4.40
CA VAL A 323 16.42 -9.61 3.00
C VAL A 323 16.06 -8.12 2.97
N LYS A 324 16.94 -7.24 2.54
CA LYS A 324 16.57 -5.82 2.47
C LYS A 324 16.26 -5.46 1.01
N ILE A 325 15.05 -4.99 0.76
CA ILE A 325 14.62 -4.67 -0.60
C ILE A 325 15.27 -3.34 -0.94
N LYS A 326 15.80 -3.22 -2.15
CA LYS A 326 16.24 -1.93 -2.67
C LYS A 326 15.15 -0.91 -2.40
N PRO A 327 15.55 0.26 -1.93
CA PRO A 327 14.63 1.40 -1.84
C PRO A 327 13.85 1.66 -3.14
N GLU A 328 14.44 1.43 -4.31
CA GLU A 328 13.69 1.66 -5.55
C GLU A 328 12.42 0.80 -5.64
N ASP A 329 12.21 -0.12 -4.67
CA ASP A 329 11.18 -1.16 -4.79
C ASP A 329 10.25 -1.37 -3.57
N LEU A 330 10.53 -0.82 -2.38
CA LEU A 330 9.74 -1.13 -1.17
C LEU A 330 8.22 -0.92 -1.25
N GLN A 331 7.85 0.19 -1.89
CA GLN A 331 6.47 0.59 -2.00
C GLN A 331 5.81 -0.14 -3.14
N PHE A 332 6.60 -0.71 -4.02
CA PHE A 332 6.09 -1.30 -5.24
C PHE A 332 6.13 -2.82 -5.31
N ALA A 333 6.74 -3.45 -4.34
CA ALA A 333 7.06 -4.87 -4.48
C ALA A 333 5.81 -5.70 -4.73
N ASN A 334 4.74 -5.44 -3.99
CA ASN A 334 3.49 -6.20 -4.21
C ASN A 334 2.95 -5.94 -5.59
N ALA A 335 2.86 -4.67 -5.96
CA ALA A 335 2.31 -4.28 -7.28
C ALA A 335 3.08 -4.94 -8.43
N LEU A 336 4.39 -5.02 -8.29
CA LEU A 336 5.23 -5.67 -9.32
C LEU A 336 4.92 -7.17 -9.42
N GLY A 337 4.74 -7.84 -8.27
CA GLY A 337 4.31 -9.24 -8.26
C GLY A 337 2.93 -9.48 -8.78
N TYR A 338 1.98 -8.58 -8.46
CA TYR A 338 0.62 -8.68 -8.95
C TYR A 338 0.58 -8.61 -10.48
N ARG A 339 1.41 -7.74 -11.03
CA ARG A 339 1.43 -7.52 -12.45
C ARG A 339 2.00 -8.78 -13.08
N ASP A 340 3.11 -9.26 -12.52
CA ASP A 340 3.75 -10.52 -12.98
C ASP A 340 2.73 -11.67 -13.03
N ALA A 341 1.96 -11.83 -11.96
CA ALA A 341 0.93 -12.87 -11.92
C ALA A 341 -0.14 -12.70 -13.00
N ALA A 342 -0.59 -11.48 -13.28
CA ALA A 342 -1.57 -11.29 -14.34
C ALA A 342 -0.96 -11.64 -15.72
N GLU A 343 0.25 -11.16 -15.98
CA GLU A 343 0.95 -11.43 -17.23
C GLU A 343 1.04 -12.96 -17.48
N ARG A 344 1.45 -13.70 -16.46
CA ARG A 344 1.56 -15.15 -16.54
C ARG A 344 0.19 -15.85 -16.59
N SER A 345 -0.91 -15.06 -16.73
CA SER A 345 -2.27 -15.59 -16.95
C SER A 345 -2.58 -15.70 -18.45
C1 GOL B . -0.32 -2.03 0.50
O1 GOL B . -0.59 -1.23 -0.64
C2 GOL B . 0.85 -2.97 0.21
O2 GOL B . 0.64 -3.70 -1.00
C3 GOL B . 2.20 -2.23 0.13
O3 GOL B . 3.26 -3.14 0.43
#